data_2P3A
#
_entry.id   2P3A
#
_cell.length_a   60.931
_cell.length_b   60.931
_cell.length_c   82.463
_cell.angle_alpha   90.00
_cell.angle_beta   90.00
_cell.angle_gamma   120.00
#
_symmetry.space_group_name_H-M   'P 61'
#
loop_
_entity.id
_entity.type
_entity.pdbx_description
1 polymer protease
2 non-polymer 'benzyl [(1S,4S,7S,8R,9R,10S,13S,16S)-7,10-dibenzyl-8,9-dihydroxy-1,16-dimethyl-4,13-bis(1-methylethyl)-2,5,12,15,18-pentaoxo-20-phenyl-19-oxa-3,6,11,14,17-pentaazaicos-1-yl]carbamate'
3 water water
#
_entity_poly.entity_id   1
_entity_poly.type   'polypeptide(L)'
_entity_poly.pdbx_seq_one_letter_code
;PQITLWKRPLVTIKIGGQLKEALLDTGADDTVLEEMALPGKWKPRMIGGIGGFVKVRQYDQIPIEI(CME)GHKVIGTVL
VGPTPANIIGRNLMTQIGCTLNF
;
_entity_poly.pdbx_strand_id   A,B
#
loop_
_chem_comp.id
_chem_comp.type
_chem_comp.name
_chem_comp.formula
3TL peptide-like 'benzyl [(1S,4S,7S,8R,9R,10S,13S,16S)-7,10-dibenzyl-8,9-dihydroxy-1,16-dimethyl-4,13-bis(1-methylethyl)-2,5,12,15,18-pentaoxo-20-phenyl-19-oxa-3,6,11,14,17-pentaazaicos-1-yl]carbamate' 'C50 H64 N6 O10'
#
# COMPACT_ATOMS: atom_id res chain seq x y z
N PRO A 1 -16.44 7.10 -4.37
CA PRO A 1 -16.21 6.27 -5.52
C PRO A 1 -15.80 4.84 -5.14
N GLN A 2 -16.03 3.90 -6.05
CA GLN A 2 -15.44 2.59 -5.92
C GLN A 2 -14.26 2.59 -6.87
N ILE A 3 -13.10 2.13 -6.42
CA ILE A 3 -11.88 2.13 -7.22
C ILE A 3 -11.41 0.68 -7.36
N THR A 4 -11.38 0.16 -8.57
CA THR A 4 -10.79 -1.18 -8.72
C THR A 4 -9.26 -0.99 -8.75
N LEU A 5 -8.52 -2.08 -8.82
CA LEU A 5 -7.10 -1.97 -8.62
C LEU A 5 -6.29 -2.46 -9.81
N TRP A 6 -6.93 -2.51 -10.97
CA TRP A 6 -6.23 -2.84 -12.21
C TRP A 6 -5.15 -1.82 -12.51
N LYS A 7 -5.35 -0.60 -12.00
N LYS A 7 -5.41 -0.58 -12.15
CA LYS A 7 -4.36 0.49 -12.08
CA LYS A 7 -4.32 0.31 -12.18
C LYS A 7 -3.93 0.91 -10.66
C LYS A 7 -4.19 0.95 -10.83
N ARG A 8 -2.85 1.69 -10.51
N ARG A 8 -3.07 1.64 -10.66
CA ARG A 8 -2.57 2.30 -9.21
CA ARG A 8 -2.73 2.32 -9.42
C ARG A 8 -3.72 3.25 -8.90
C ARG A 8 -3.92 3.15 -8.97
N PRO A 9 -4.26 3.09 -7.69
CA PRO A 9 -5.37 3.90 -7.20
C PRO A 9 -4.88 5.31 -6.88
N LEU A 10 -4.74 6.12 -7.93
CA LEU A 10 -4.29 7.49 -7.77
C LEU A 10 -5.48 8.43 -7.55
N VAL A 11 -5.29 9.38 -6.67
CA VAL A 11 -6.31 10.40 -6.42
C VAL A 11 -5.65 11.73 -6.46
N THR A 12 -6.41 12.78 -6.74
N THR A 12 -6.42 12.76 -6.76
CA THR A 12 -5.89 14.14 -6.69
CA THR A 12 -5.95 14.12 -6.60
C THR A 12 -6.14 14.75 -5.33
C THR A 12 -6.05 14.48 -5.14
N ILE A 13 -5.08 15.23 -4.69
CA ILE A 13 -5.16 15.79 -3.35
C ILE A 13 -4.85 17.26 -3.49
N LYS A 14 -5.32 18.01 -2.52
N LYS A 14 -5.30 18.03 -2.52
CA LYS A 14 -5.00 19.42 -2.42
CA LYS A 14 -4.95 19.44 -2.47
C LYS A 14 -4.39 19.50 -1.03
C LYS A 14 -4.47 19.69 -1.06
N ILE A 15 -3.20 20.09 -0.98
CA ILE A 15 -2.55 20.29 0.27
C ILE A 15 -1.66 21.49 0.14
N GLY A 16 -1.70 22.33 1.16
CA GLY A 16 -0.90 23.54 1.19
C GLY A 16 -1.11 24.39 -0.05
N GLY A 17 -2.35 24.40 -0.54
CA GLY A 17 -2.74 25.14 -1.73
C GLY A 17 -2.25 24.55 -3.04
N GLN A 18 -1.67 23.36 -2.98
CA GLN A 18 -1.09 22.73 -4.16
C GLN A 18 -1.83 21.47 -4.49
N LEU A 19 -1.89 21.19 -5.77
CA LEU A 19 -2.56 19.98 -6.23
C LEU A 19 -1.51 18.96 -6.50
N LYS A 20 -1.76 17.76 -6.06
CA LYS A 20 -0.85 16.65 -6.23
C LYS A 20 -1.65 15.42 -6.55
N GLU A 21 -1.01 14.45 -7.17
CA GLU A 21 -1.62 13.14 -7.29
C GLU A 21 -0.97 12.29 -6.23
N ALA A 22 -1.75 11.38 -5.66
CA ALA A 22 -1.26 10.56 -4.57
C ALA A 22 -1.87 9.21 -4.66
N LEU A 23 -1.13 8.24 -4.16
CA LEU A 23 -1.57 6.88 -4.20
C LEU A 23 -2.34 6.54 -2.93
N LEU A 24 -3.56 6.04 -3.09
CA LEU A 24 -4.32 5.54 -1.92
C LEU A 24 -3.68 4.22 -1.58
N ASP A 25 -3.05 4.20 -0.42
CA ASP A 25 -2.11 3.14 -0.16
C ASP A 25 -2.46 2.44 1.16
N THR A 26 -3.15 1.30 1.07
CA THR A 26 -3.56 0.61 2.30
C THR A 26 -2.37 -0.05 3.01
N GLY A 27 -1.22 -0.18 2.37
CA GLY A 27 -0.02 -0.72 3.00
C GLY A 27 0.84 0.35 3.66
N ALA A 28 0.29 1.56 3.75
CA ALA A 28 1.01 2.73 4.31
C ALA A 28 0.25 3.14 5.57
N ASP A 29 0.93 3.12 6.70
CA ASP A 29 0.31 3.51 7.96
C ASP A 29 0.05 5.01 7.91
N ASP A 30 1.05 5.71 7.34
CA ASP A 30 1.15 7.14 7.35
C ASP A 30 1.06 7.67 5.92
N THR A 31 0.96 8.97 5.83
CA THR A 31 0.85 9.65 4.57
C THR A 31 2.19 10.32 4.31
N VAL A 32 2.77 10.05 3.14
CA VAL A 32 4.11 10.52 2.81
C VAL A 32 4.04 11.23 1.48
N LEU A 33 4.43 12.51 1.47
CA LEU A 33 4.40 13.28 0.26
C LEU A 33 5.80 13.65 -0.12
N GLU A 34 5.98 13.82 -1.43
CA GLU A 34 7.26 14.31 -1.96
C GLU A 34 7.54 15.69 -1.38
N GLU A 35 8.80 16.09 -1.45
CA GLU A 35 9.22 17.40 -1.01
C GLU A 35 8.28 18.50 -1.50
N MET A 36 7.79 19.24 -0.54
CA MET A 36 6.84 20.27 -0.82
C MET A 36 6.92 21.27 0.30
N ALA A 37 6.69 22.52 -0.09
CA ALA A 37 6.61 23.60 0.86
C ALA A 37 5.33 23.44 1.67
N LEU A 38 5.48 23.01 2.92
CA LEU A 38 4.39 23.10 3.86
C LEU A 38 4.72 24.20 4.83
N PRO A 39 3.71 24.93 5.29
CA PRO A 39 3.93 25.92 6.31
C PRO A 39 4.03 25.22 7.67
N GLY A 40 4.67 25.88 8.64
CA GLY A 40 4.62 25.47 10.04
C GLY A 40 5.77 24.63 10.55
N LYS A 41 5.64 24.20 11.81
CA LYS A 41 6.64 23.40 12.52
C LYS A 41 6.59 21.96 12.05
N TRP A 42 7.64 21.21 12.37
CA TRP A 42 7.70 19.77 12.08
C TRP A 42 8.59 19.04 13.07
N LYS A 43 8.54 17.72 13.04
CA LYS A 43 9.44 16.90 13.84
C LYS A 43 10.08 15.86 12.90
N PRO A 44 11.35 15.54 13.13
CA PRO A 44 12.03 14.55 12.30
C PRO A 44 11.52 13.18 12.62
N ARG A 45 11.25 12.39 11.59
CA ARG A 45 10.68 11.08 11.75
C ARG A 45 11.36 10.18 10.72
N MET A 46 11.24 8.88 10.88
CA MET A 46 11.77 7.96 9.89
C MET A 46 10.67 6.98 9.52
N ILE A 47 10.59 6.62 8.25
CA ILE A 47 9.63 5.62 7.85
C ILE A 47 10.40 4.52 7.17
N GLY A 48 9.90 3.30 7.29
CA GLY A 48 10.56 2.20 6.67
C GLY A 48 9.73 1.65 5.55
N GLY A 49 10.42 1.21 4.51
CA GLY A 49 9.74 0.64 3.39
C GLY A 49 10.45 -0.63 3.03
N ILE A 50 10.15 -1.07 1.81
CA ILE A 50 10.93 -2.10 1.16
C ILE A 50 12.33 -1.54 0.98
N GLY A 51 13.32 -2.30 1.44
CA GLY A 51 14.73 -1.98 1.29
C GLY A 51 15.29 -1.02 2.31
N GLY A 52 14.73 0.18 2.34
CA GLY A 52 15.33 1.22 3.15
C GLY A 52 14.44 1.95 4.14
N PHE A 53 15.01 2.98 4.76
N PHE A 53 15.02 2.95 4.75
CA PHE A 53 14.39 3.84 5.81
CA PHE A 53 14.25 3.89 5.46
C PHE A 53 14.72 5.34 5.53
C PHE A 53 14.47 5.20 4.77
N VAL A 54 13.72 6.18 5.23
CA VAL A 54 13.98 7.56 4.88
C VAL A 54 13.60 8.45 6.02
N LYS A 55 14.41 9.48 6.23
CA LYS A 55 14.07 10.54 7.13
C LYS A 55 13.01 11.40 6.48
N VAL A 56 12.01 11.75 7.28
CA VAL A 56 10.94 12.58 6.80
C VAL A 56 10.65 13.65 7.82
N ARG A 57 9.92 14.67 7.39
CA ARG A 57 9.46 15.71 8.28
C ARG A 57 8.01 15.41 8.61
N GLN A 58 7.71 15.31 9.90
CA GLN A 58 6.35 15.08 10.32
C GLN A 58 5.63 16.38 10.63
N TYR A 59 4.57 16.63 9.87
CA TYR A 59 3.69 17.74 10.11
C TYR A 59 2.37 17.22 10.66
N ASP A 60 1.96 17.74 11.81
CA ASP A 60 0.69 17.36 12.41
C ASP A 60 -0.42 18.34 11.99
N GLN A 61 -1.64 17.83 12.02
CA GLN A 61 -2.84 18.63 11.80
C GLN A 61 -2.77 19.48 10.54
N ILE A 62 -2.38 18.84 9.43
CA ILE A 62 -2.35 19.48 8.13
C ILE A 62 -3.64 19.20 7.38
N PRO A 63 -4.28 20.24 6.84
CA PRO A 63 -5.44 20.08 6.00
C PRO A 63 -5.10 19.52 4.64
N ILE A 64 -5.83 18.48 4.24
N ILE A 64 -5.89 18.55 4.19
CA ILE A 64 -5.69 17.87 2.93
CA ILE A 64 -5.64 17.91 2.92
C ILE A 64 -7.06 17.60 2.40
C ILE A 64 -6.96 17.44 2.36
N GLU A 65 -7.25 17.78 1.11
CA GLU A 65 -8.52 17.43 0.52
C GLU A 65 -8.15 16.27 -0.37
N ILE A 66 -8.75 15.12 -0.12
CA ILE A 66 -8.40 13.92 -0.88
C ILE A 66 -9.65 13.56 -1.63
N CME A 67 -9.56 13.65 -2.95
N CME A 67 -9.56 13.54 -2.97
CA CME A 67 -10.66 13.37 -3.83
CA CME A 67 -10.71 13.40 -3.89
CB CME A 67 -10.64 11.85 -3.91
CB CME A 67 -10.98 11.96 -4.32
SG CME A 67 -11.69 11.22 -5.19
SG CME A 67 -12.24 11.92 -5.58
SD CME A 67 -10.89 11.48 -7.00
SD CME A 67 -10.86 11.33 -7.01
CE CME A 67 -9.25 12.04 -7.13
CE CME A 67 -9.30 12.11 -7.16
CZ CME A 67 -9.01 12.24 -8.62
CZ CME A 67 -9.06 12.28 -8.65
OH CME A 67 -8.75 11.03 -9.31
OH CME A 67 -8.75 11.08 -9.35
C CME A 67 -11.95 14.03 -3.27
C CME A 67 -11.99 14.07 -3.36
O CME A 67 -12.99 13.37 -3.17
O CME A 67 -13.08 13.47 -3.36
N GLY A 68 -11.86 15.31 -2.89
CA GLY A 68 -13.04 16.11 -2.50
C GLY A 68 -13.49 15.88 -1.06
N HIS A 69 -12.67 15.16 -0.31
CA HIS A 69 -12.98 14.95 1.07
C HIS A 69 -11.91 15.69 1.82
N LYS A 70 -12.33 16.70 2.56
CA LYS A 70 -11.40 17.44 3.41
C LYS A 70 -11.18 16.66 4.67
N VAL A 71 -9.90 16.44 4.97
CA VAL A 71 -9.48 15.79 6.19
C VAL A 71 -8.32 16.60 6.72
N ILE A 72 -7.88 16.25 7.91
CA ILE A 72 -6.80 17.00 8.55
C ILE A 72 -6.02 15.97 9.29
N GLY A 73 -4.73 15.90 9.06
CA GLY A 73 -4.00 14.90 9.76
C GLY A 73 -2.53 15.09 9.60
N THR A 74 -1.81 14.07 10.05
CA THR A 74 -0.38 14.07 9.95
C THR A 74 0.07 13.72 8.55
N VAL A 75 1.00 14.51 8.06
CA VAL A 75 1.58 14.32 6.76
C VAL A 75 3.09 14.28 6.94
N LEU A 76 3.70 13.27 6.34
CA LEU A 76 5.14 13.16 6.30
C LEU A 76 5.68 13.68 4.98
N VAL A 77 6.76 14.45 5.06
CA VAL A 77 7.33 14.98 3.85
C VAL A 77 8.77 14.51 3.74
N GLY A 78 9.13 13.93 2.60
CA GLY A 78 10.50 13.50 2.41
C GLY A 78 10.72 12.94 1.04
N PRO A 79 11.89 12.34 0.83
CA PRO A 79 12.30 11.88 -0.51
C PRO A 79 11.63 10.58 -0.94
N THR A 80 10.31 10.59 -0.96
CA THR A 80 9.55 9.44 -1.41
C THR A 80 9.36 9.58 -2.90
N PRO A 81 9.30 8.46 -3.60
CA PRO A 81 9.15 8.47 -5.06
C PRO A 81 7.69 8.62 -5.51
N ALA A 82 6.78 8.67 -4.54
CA ALA A 82 5.37 8.80 -4.84
C ALA A 82 4.70 9.46 -3.66
N ASN A 83 3.70 10.30 -3.91
CA ASN A 83 2.87 10.78 -2.86
C ASN A 83 1.98 9.65 -2.45
N ILE A 84 1.96 9.39 -1.15
CA ILE A 84 1.26 8.23 -0.65
C ILE A 84 0.27 8.66 0.42
N ILE A 85 -0.98 8.31 0.20
CA ILE A 85 -2.00 8.56 1.21
C ILE A 85 -2.16 7.32 2.02
N GLY A 86 -1.83 7.39 3.29
CA GLY A 86 -1.86 6.22 4.12
C GLY A 86 -3.13 6.09 4.89
N ARG A 87 -3.18 5.05 5.72
CA ARG A 87 -4.39 4.72 6.41
C ARG A 87 -4.79 5.80 7.35
N ASN A 88 -3.82 6.60 7.81
CA ASN A 88 -4.14 7.65 8.76
C ASN A 88 -5.16 8.63 8.18
N LEU A 89 -5.08 8.86 6.87
CA LEU A 89 -5.99 9.72 6.19
C LEU A 89 -7.12 8.97 5.52
N MET A 90 -6.85 7.76 5.04
N MET A 90 -6.88 7.76 5.04
CA MET A 90 -7.89 6.98 4.38
CA MET A 90 -7.97 7.04 4.37
C MET A 90 -9.06 6.69 5.30
C MET A 90 -9.09 6.71 5.32
N THR A 91 -8.74 6.48 6.57
CA THR A 91 -9.80 6.28 7.59
C THR A 91 -10.72 7.50 7.68
N GLN A 92 -10.14 8.69 7.54
N GLN A 92 -10.13 8.69 7.62
CA GLN A 92 -10.86 9.97 7.66
CA GLN A 92 -10.92 9.89 7.76
C GLN A 92 -11.75 10.27 6.49
C GLN A 92 -11.88 10.06 6.58
N ILE A 93 -11.53 9.57 5.39
CA ILE A 93 -12.43 9.71 4.28
C ILE A 93 -13.34 8.50 4.16
N GLY A 94 -13.17 7.55 5.08
CA GLY A 94 -14.06 6.42 5.19
C GLY A 94 -13.73 5.36 4.15
N CYS A 95 -12.47 5.27 3.79
N CYS A 95 -12.46 5.29 3.76
CA CYS A 95 -12.07 4.37 2.74
CA CYS A 95 -12.01 4.26 2.81
C CYS A 95 -11.92 2.92 3.21
C CYS A 95 -12.12 2.89 3.37
N THR A 96 -12.62 2.00 2.54
CA THR A 96 -12.57 0.59 2.86
C THR A 96 -12.07 -0.20 1.69
N LEU A 97 -11.49 -1.35 2.00
CA LEU A 97 -11.24 -2.39 1.03
C LEU A 97 -12.42 -3.34 0.98
N ASN A 98 -12.78 -3.77 -0.19
CA ASN A 98 -13.96 -4.60 -0.33
C ASN A 98 -13.70 -5.65 -1.34
N PHE A 99 -14.10 -6.86 -1.00
CA PHE A 99 -14.06 -7.96 -1.95
C PHE A 99 -14.99 -9.06 -1.45
N PRO B 1 -15.66 -9.52 2.20
CA PRO B 1 -15.70 -8.66 3.36
C PRO B 1 -15.43 -7.19 2.99
N GLN B 2 -15.94 -6.29 3.81
CA GLN B 2 -15.53 -4.91 3.77
C GLN B 2 -14.52 -4.73 4.89
N ILE B 3 -13.38 -4.11 4.60
CA ILE B 3 -12.28 -3.98 5.56
C ILE B 3 -12.06 -2.47 5.73
N THR B 4 -12.29 -1.94 6.93
CA THR B 4 -11.93 -0.53 7.15
C THR B 4 -10.41 -0.49 7.41
N LEU B 5 -9.86 0.69 7.56
CA LEU B 5 -8.43 0.82 7.56
C LEU B 5 -7.87 1.38 8.86
N TRP B 6 -8.67 1.31 9.92
CA TRP B 6 -8.22 1.75 11.23
C TRP B 6 -7.04 0.90 11.69
N LYS B 7 -6.98 -0.33 11.18
N LYS B 7 -7.05 -0.35 11.30
CA LYS B 7 -5.84 -1.26 11.39
CA LYS B 7 -5.84 -1.08 11.49
C LYS B 7 -5.17 -1.60 10.05
C LYS B 7 -5.44 -1.68 10.16
N ARG B 8 -3.98 -2.21 10.06
N ARG B 8 -4.20 -2.18 10.17
CA ARG B 8 -3.43 -2.76 8.82
CA ARG B 8 -3.61 -2.80 8.98
C ARG B 8 -4.37 -3.85 8.34
C ARG B 8 -4.58 -3.79 8.39
N PRO B 9 -4.75 -3.75 7.07
CA PRO B 9 -5.64 -4.73 6.43
C PRO B 9 -4.89 -6.03 6.18
N LEU B 10 -4.79 -6.82 7.24
CA LEU B 10 -4.16 -8.13 7.18
C LEU B 10 -5.17 -9.21 6.82
N VAL B 11 -4.72 -10.15 6.00
CA VAL B 11 -5.52 -11.30 5.63
C VAL B 11 -4.66 -12.52 5.75
N THR B 12 -5.29 -13.67 5.93
N THR B 12 -5.30 -13.66 5.95
CA THR B 12 -4.56 -14.93 5.97
CA THR B 12 -4.59 -14.90 5.88
C THR B 12 -4.52 -15.55 4.59
C THR B 12 -4.45 -15.26 4.41
N ILE B 13 -3.32 -15.86 4.10
CA ILE B 13 -3.14 -16.42 2.78
C ILE B 13 -2.63 -17.82 2.98
N LYS B 14 -2.89 -18.64 1.99
N LYS B 14 -2.87 -18.65 1.99
CA LYS B 14 -2.32 -19.97 1.91
CA LYS B 14 -2.27 -19.99 1.98
C LYS B 14 -1.52 -19.94 0.64
C LYS B 14 -1.58 -20.14 0.65
N ILE B 15 -0.27 -20.35 0.74
CA ILE B 15 0.57 -20.43 -0.42
C ILE B 15 1.61 -21.50 -0.16
N GLY B 16 1.82 -22.31 -1.17
CA GLY B 16 2.79 -23.41 -1.08
C GLY B 16 2.54 -24.28 0.14
N GLY B 17 1.26 -24.48 0.45
CA GLY B 17 0.83 -25.27 1.60
C GLY B 17 1.05 -24.63 2.95
N GLN B 18 1.47 -23.37 2.96
CA GLN B 18 1.78 -22.67 4.20
C GLN B 18 0.80 -21.56 4.41
N LEU B 19 0.50 -21.31 5.66
CA LEU B 19 -0.38 -20.21 6.02
C LEU B 19 0.46 -19.04 6.43
N LYS B 20 0.09 -17.87 5.95
CA LYS B 20 0.80 -16.65 6.21
C LYS B 20 -0.20 -15.56 6.41
N GLU B 21 0.20 -14.54 7.13
CA GLU B 21 -0.61 -13.32 7.14
C GLU B 21 0.05 -12.35 6.17
N ALA B 22 -0.78 -11.60 5.47
CA ALA B 22 -0.27 -10.70 4.46
C ALA B 22 -1.10 -9.44 4.47
N LEU B 23 -0.46 -8.36 4.05
CA LEU B 23 -1.08 -7.07 4.01
C LEU B 23 -1.71 -6.86 2.65
N LEU B 24 -3.00 -6.55 2.63
CA LEU B 24 -3.65 -6.13 1.36
C LEU B 24 -3.15 -4.74 1.09
N ASP B 25 -2.40 -4.61 0.02
CA ASP B 25 -1.59 -3.41 -0.11
C ASP B 25 -1.86 -2.75 -1.46
N THR B 26 -2.75 -1.76 -1.48
CA THR B 26 -3.09 -1.12 -2.73
C THR B 26 -1.93 -0.28 -3.30
N GLY B 27 -0.91 0.01 -2.51
CA GLY B 27 0.26 0.72 -2.98
C GLY B 27 1.33 -0.21 -3.51
N ALA B 28 1.00 -1.49 -3.63
CA ALA B 28 1.95 -2.50 -4.10
C ALA B 28 1.48 -2.99 -5.45
N ASP B 29 2.31 -2.85 -6.49
CA ASP B 29 1.93 -3.34 -7.80
C ASP B 29 1.90 -4.85 -7.77
N ASP B 30 2.90 -5.41 -7.08
CA ASP B 30 3.21 -6.81 -7.05
C ASP B 30 3.02 -7.38 -5.65
N THR B 31 3.05 -8.69 -5.57
CA THR B 31 2.92 -9.37 -4.33
C THR B 31 4.29 -9.84 -3.88
N VAL B 32 4.63 -9.54 -2.63
CA VAL B 32 5.99 -9.78 -2.10
C VAL B 32 5.84 -10.49 -0.78
N LEU B 33 6.41 -11.68 -0.72
CA LEU B 33 6.32 -12.47 0.45
C LEU B 33 7.68 -12.64 1.03
N GLU B 34 7.71 -12.79 2.35
CA GLU B 34 8.95 -13.08 3.08
C GLU B 34 9.54 -14.39 2.56
N GLU B 35 10.82 -14.59 2.83
CA GLU B 35 11.49 -15.83 2.47
C GLU B 35 10.66 -17.05 2.79
N MET B 36 10.41 -17.85 1.78
CA MET B 36 9.60 -19.01 1.93
C MET B 36 9.98 -19.98 0.85
N ALA B 37 9.91 -21.24 1.23
CA ALA B 37 10.12 -22.34 0.32
C ALA B 37 8.95 -22.39 -0.66
N LEU B 38 9.21 -21.93 -1.88
CA LEU B 38 8.27 -22.17 -2.96
C LEU B 38 8.91 -23.16 -3.89
N PRO B 39 8.09 -24.04 -4.47
CA PRO B 39 8.61 -24.98 -5.44
C PRO B 39 8.76 -24.26 -6.78
N GLY B 40 9.62 -24.81 -7.65
CA GLY B 40 9.68 -24.38 -9.05
C GLY B 40 10.77 -23.38 -9.40
N LYS B 41 10.75 -22.96 -10.68
CA LYS B 41 11.73 -22.02 -11.22
C LYS B 41 11.40 -20.60 -10.80
N TRP B 42 12.35 -19.69 -11.00
CA TRP B 42 12.14 -18.27 -10.71
C TRP B 42 13.04 -17.41 -11.57
N LYS B 43 12.78 -16.11 -11.58
CA LYS B 43 13.64 -15.12 -12.23
C LYS B 43 14.00 -14.04 -11.21
N PRO B 44 15.24 -13.56 -11.26
CA PRO B 44 15.66 -12.47 -10.38
C PRO B 44 14.98 -11.18 -10.80
N ARG B 45 14.52 -10.42 -9.82
CA ARG B 45 13.78 -9.23 -10.10
C ARG B 45 14.13 -8.27 -8.97
N MET B 46 13.80 -6.99 -9.15
CA MET B 46 14.06 -6.02 -8.09
C MET B 46 12.79 -5.22 -7.88
N ILE B 47 12.48 -4.90 -6.64
CA ILE B 47 11.33 -4.06 -6.37
C ILE B 47 11.82 -2.85 -5.61
N GLY B 48 11.19 -1.73 -5.81
CA GLY B 48 11.60 -0.52 -5.15
C GLY B 48 10.54 -0.12 -4.15
N GLY B 49 10.99 0.36 -3.01
CA GLY B 49 10.09 0.85 -2.01
C GLY B 49 10.56 2.21 -1.59
N ILE B 50 10.03 2.61 -0.44
CA ILE B 50 10.57 3.69 0.34
C ILE B 50 12.01 3.35 0.68
N GLY B 51 12.89 4.28 0.35
CA GLY B 51 14.30 4.18 0.70
C GLY B 51 15.14 3.31 -0.19
N GLY B 52 14.75 2.04 -0.33
CA GLY B 52 15.60 1.09 -1.00
C GLY B 52 14.98 0.26 -2.11
N PHE B 53 15.80 -0.62 -2.63
N PHE B 53 15.78 -0.68 -2.63
CA PHE B 53 15.26 -1.67 -3.43
CA PHE B 53 15.44 -1.59 -3.75
C PHE B 53 15.58 -2.94 -2.69
C PHE B 53 15.94 -3.03 -3.44
N VAL B 54 15.03 -4.00 -3.24
CA VAL B 54 15.43 -5.34 -2.81
C VAL B 54 15.37 -6.26 -3.99
N LYS B 55 16.37 -7.14 -4.08
CA LYS B 55 16.32 -8.22 -5.03
C LYS B 55 15.35 -9.26 -4.52
N VAL B 56 14.54 -9.77 -5.44
CA VAL B 56 13.55 -10.75 -5.12
C VAL B 56 13.55 -11.84 -6.16
N ARG B 57 12.91 -12.94 -5.82
CA ARG B 57 12.73 -14.03 -6.76
C ARG B 57 11.32 -13.96 -7.28
N GLN B 58 11.18 -13.88 -8.60
CA GLN B 58 9.88 -13.86 -9.21
C GLN B 58 9.43 -15.26 -9.58
N TYR B 59 8.32 -15.66 -8.99
CA TYR B 59 7.65 -16.89 -9.34
C TYR B 59 6.36 -16.56 -10.08
N ASP B 60 6.20 -17.12 -11.28
CA ASP B 60 4.97 -16.94 -12.05
C ASP B 60 3.98 -18.06 -11.75
N GLN B 61 2.72 -17.74 -11.96
CA GLN B 61 1.64 -18.73 -11.91
C GLN B 61 1.66 -19.56 -10.62
N ILE B 62 1.75 -18.86 -9.48
CA ILE B 62 1.70 -19.51 -8.18
C ILE B 62 0.29 -19.44 -7.62
N PRO B 63 -0.25 -20.56 -7.18
CA PRO B 63 -1.54 -20.58 -6.50
C PRO B 63 -1.45 -20.01 -5.10
N ILE B 64 -2.38 -19.11 -4.82
N ILE B 64 -2.42 -19.20 -4.77
CA ILE B 64 -2.50 -18.50 -3.50
CA ILE B 64 -2.45 -18.55 -3.48
C ILE B 64 -3.96 -18.43 -3.15
C ILE B 64 -3.90 -18.26 -3.09
N GLU B 65 -4.29 -18.68 -1.91
CA GLU B 65 -5.66 -18.52 -1.49
C GLU B 65 -5.60 -17.33 -0.56
N ILE B 66 -6.33 -16.28 -0.91
CA ILE B 66 -6.28 -15.03 -0.14
C ILE B 66 -7.66 -14.87 0.46
N CME B 67 -7.71 -14.95 1.78
N CME B 67 -7.73 -14.85 1.79
CA CME B 67 -8.94 -14.87 2.50
CA CME B 67 -9.00 -14.91 2.54
CB CME B 67 -9.16 -13.36 2.55
CB CME B 67 -9.53 -13.52 2.90
SG CME B 67 -10.49 -12.95 3.62
SG CME B 67 -10.92 -13.66 3.98
SD CME B 67 -9.92 -12.97 5.53
SD CME B 67 -9.89 -12.81 5.54
CE CME B 67 -8.27 -13.37 5.90
CE CME B 67 -8.32 -13.45 5.92
CZ CME B 67 -8.20 -13.56 7.41
CZ CME B 67 -8.25 -13.62 7.44
OH CME B 67 -8.11 -12.36 8.17
OH CME B 67 -8.14 -12.39 8.16
C CME B 67 -10.03 -15.71 1.77
C CME B 67 -10.07 -15.76 1.84
O CME B 67 -11.13 -15.21 1.52
O CME B 67 -11.22 -15.33 1.68
N GLY B 68 -9.71 -16.95 1.41
CA GLY B 68 -10.71 -17.90 0.86
C GLY B 68 -11.01 -17.69 -0.62
N HIS B 69 -10.17 -16.92 -1.27
CA HIS B 69 -10.32 -16.72 -2.68
C HIS B 69 -9.07 -17.29 -3.27
N LYS B 70 -9.24 -18.31 -4.09
CA LYS B 70 -8.12 -18.91 -4.78
C LYS B 70 -7.81 -18.09 -6.00
N VAL B 71 -6.57 -17.69 -6.11
CA VAL B 71 -6.08 -16.95 -7.25
C VAL B 71 -4.75 -17.57 -7.61
N ILE B 72 -4.20 -17.16 -8.74
CA ILE B 72 -2.95 -17.73 -9.23
C ILE B 72 -2.26 -16.58 -9.88
N GLY B 73 -1.02 -16.34 -9.50
CA GLY B 73 -0.35 -15.23 -10.11
C GLY B 73 1.09 -15.20 -9.75
N THR B 74 1.70 -14.08 -10.07
CA THR B 74 3.09 -13.85 -9.77
C THR B 74 3.28 -13.46 -8.32
N VAL B 75 4.27 -14.07 -7.71
CA VAL B 75 4.62 -13.85 -6.34
C VAL B 75 6.11 -13.59 -6.30
N LEU B 76 6.48 -12.50 -5.63
CA LEU B 76 7.87 -12.17 -5.42
C LEU B 76 8.29 -12.61 -4.03
N VAL B 77 9.48 -13.18 -3.94
CA VAL B 77 9.95 -13.65 -2.66
C VAL B 77 11.27 -13.00 -2.36
N GLY B 78 11.36 -12.36 -1.21
CA GLY B 78 12.62 -11.78 -0.82
C GLY B 78 12.54 -11.21 0.56
N PRO B 79 13.57 -10.44 0.93
CA PRO B 79 13.74 -9.92 2.31
C PRO B 79 12.84 -8.73 2.62
N THR B 80 11.54 -8.93 2.45
CA THR B 80 10.58 -7.91 2.79
C THR B 80 10.21 -8.09 4.26
N PRO B 81 9.90 -6.99 4.93
CA PRO B 81 9.56 -7.06 6.36
C PRO B 81 8.09 -7.42 6.60
N ALA B 82 7.33 -7.57 5.52
CA ALA B 82 5.93 -7.96 5.63
C ALA B 82 5.53 -8.69 4.37
N ASN B 83 4.63 -9.67 4.50
CA ASN B 83 4.02 -10.26 3.33
C ASN B 83 3.04 -9.27 2.79
N ILE B 84 3.17 -8.98 1.50
CA ILE B 84 2.37 -7.94 0.88
C ILE B 84 1.62 -8.54 -0.29
N ILE B 85 0.31 -8.36 -0.26
CA ILE B 85 -0.53 -8.74 -1.40
C ILE B 85 -0.75 -7.52 -2.24
N GLY B 86 -0.22 -7.54 -3.43
CA GLY B 86 -0.30 -6.38 -4.31
C GLY B 86 -1.48 -6.43 -5.21
N ARG B 87 -1.57 -5.42 -6.06
CA ARG B 87 -2.71 -5.27 -6.91
C ARG B 87 -2.83 -6.40 -7.88
N ASN B 88 -1.70 -7.02 -8.21
CA ASN B 88 -1.71 -8.13 -9.15
C ASN B 88 -2.63 -9.25 -8.70
N LEU B 89 -2.70 -9.47 -7.39
CA LEU B 89 -3.57 -10.47 -6.83
C LEU B 89 -4.89 -9.90 -6.34
N MET B 90 -4.88 -8.67 -5.84
N MET B 90 -4.90 -8.67 -5.84
CA MET B 90 -6.11 -8.05 -5.32
CA MET B 90 -6.17 -8.12 -5.34
C MET B 90 -7.16 -7.91 -6.43
C MET B 90 -7.19 -7.95 -6.46
N THR B 91 -6.71 -7.64 -7.65
CA THR B 91 -7.63 -7.58 -8.79
C THR B 91 -8.32 -8.93 -8.98
N GLN B 92 -7.58 -10.02 -8.75
N GLN B 92 -7.56 -10.01 -8.83
CA GLN B 92 -8.07 -11.38 -8.97
CA GLN B 92 -8.12 -11.33 -9.08
C GLN B 92 -9.07 -11.85 -7.93
C GLN B 92 -9.21 -11.66 -8.04
N ILE B 93 -9.10 -11.15 -6.81
CA ILE B 93 -10.12 -11.42 -5.84
C ILE B 93 -11.22 -10.37 -5.85
N GLY B 94 -11.06 -9.37 -6.72
CA GLY B 94 -12.08 -8.38 -7.00
C GLY B 94 -12.09 -7.28 -5.97
N CYS B 95 -10.92 -6.99 -5.42
N CYS B 95 -10.91 -7.02 -5.38
CA CYS B 95 -10.79 -6.08 -4.32
CA CYS B 95 -10.75 -5.96 -4.38
C CYS B 95 -10.82 -4.61 -4.78
C CYS B 95 -10.99 -4.61 -4.95
N THR B 96 -11.72 -3.82 -4.20
CA THR B 96 -11.86 -2.41 -4.54
C THR B 96 -11.63 -1.56 -3.31
N LEU B 97 -11.18 -0.35 -3.55
CA LEU B 97 -11.22 0.71 -2.57
C LEU B 97 -12.54 1.45 -2.71
N ASN B 98 -13.11 1.84 -1.59
CA ASN B 98 -14.41 2.48 -1.65
C ASN B 98 -14.43 3.57 -0.61
N PHE B 99 -14.94 4.72 -1.01
CA PHE B 99 -15.21 5.77 -0.07
C PHE B 99 -16.23 6.72 -0.70
C31 3TL C . 6.91 2.76 9.22
C31 3TL C . 6.10 2.90 9.30
O8 3TL C . 8.09 2.86 8.95
O8 3TL C . 7.14 3.23 8.73
O9 3TL C . 6.35 3.59 10.28
O9 3TL C . 5.95 3.26 10.68
CA 3TL C . 7.22 4.40 11.04
CA 3TL C . 7.12 3.78 11.32
C 3TL C . 8.08 3.52 11.91
C 3TL C . 8.04 2.73 11.92
C13 3TL C . 9.24 4.05 12.47
C13 3TL C . 9.10 3.17 12.72
C14 3TL C . 10.05 3.26 13.29
C14 3TL C . 9.99 2.26 13.30
C15 3TL C . 9.69 1.94 13.56
C15 3TL C . 9.82 0.89 13.09
C16 3TL C . 8.52 1.41 13.00
C16 3TL C . 8.74 0.45 12.30
C17 3TL C . 7.70 2.20 12.19
C17 3TL C . 7.86 1.36 11.72
N4 3TL C . 6.06 1.92 8.65
N4 3TL C . 5.11 2.25 8.74
C18 3TL C . 6.29 1.24 7.42
C18 3TL C . 5.36 1.37 7.63
C19 3TL C . 5.44 1.78 6.30
C19 3TL C . 4.71 1.96 6.41
O4 3TL C . 4.24 1.97 6.45
O4 3TL C . 3.55 2.33 6.48
C20 3TL C . 5.99 -0.23 7.65
C20 3TL C . 4.84 -0.03 7.92
N2 3TL C . 6.05 2.00 5.13
N2 3TL C . 5.49 2.03 5.34
C10 3TL C . 5.19 2.32 4.01
C10 3TL C . 5.09 2.52 4.03
C11 3TL C . 5.48 1.36 2.88
C11 3TL C . 5.69 1.55 3.05
O2 3TL C . 6.61 1.26 2.43
O2 3TL C . 6.73 1.76 2.47
C12 3TL C . 5.31 3.81 3.63
C12 3TL C . 5.62 3.96 3.86
CG2 3TL C . 4.64 4.70 4.67
CG2 3TL C . 5.45 4.81 5.09
CG1 3TL C . 4.73 4.06 2.23
CG1 3TL C . 4.99 4.69 2.65
C2 3TL C . 3.71 -0.05 0.23
C2 3TL C . 4.10 -0.71 0.96
O1 3TL C . 2.37 0.00 0.69
O1 3TL C . 3.06 -1.12 1.83
C1 3TL C . 4.58 -0.38 1.42
C1 3TL C . 5.32 -0.58 1.86
N1 3TL C . 4.45 0.63 2.46
N1 3TL C . 5.03 0.41 2.89
C3 3TL C . 4.08 -1.69 1.98
C3 3TL C . 5.51 -1.99 2.42
C4 3TL C . 4.96 -2.14 3.10
C4 3TL C . 6.05 -2.11 3.83
C5 3TL C . 4.38 -2.52 4.32
C5 3TL C . 5.27 -2.74 4.83
C9 3TL C . 6.35 -2.17 2.91
C9 3TL C . 7.32 -1.65 4.13
C6 3TL C . 5.20 -2.93 5.37
C6 3TL C . 5.78 -2.87 6.13
C8 3TL C . 7.16 -2.56 3.95
C8 3TL C . 7.83 -1.78 5.41
C7 3TL C . 6.59 -2.95 5.18
C7 3TL C . 7.06 -2.38 6.41
N51 3TL C . 5.42 0.35 -2.15
N51 3TL C . 4.78 0.08 -1.85
C51 3TL C . 5.39 1.35 -1.09
C51 3TL C . 4.66 1.04 -0.78
C52 3TL C . 4.06 1.31 -0.37
C52 3TL C . 3.69 0.60 0.30
O51 3TL C . 3.07 1.64 -1.32
O51 3TL C . 2.41 0.44 -0.29
C53 3TL C . 5.47 2.80 -1.61
C53 3TL C . 4.08 2.31 -1.37
C54 3TL C . 6.15 3.04 -2.93
C54 3TL C . 4.99 2.90 -2.41
C55 3TL C . 7.49 2.72 -3.10
C55 3TL C . 6.26 3.33 -2.02
C59 3TL C . 5.43 3.64 -3.98
C59 3TL C . 4.52 3.06 -3.73
C56 3TL C . 8.10 2.97 -4.31
C56 3TL C . 7.10 3.90 -2.97
C58 3TL C . 6.04 3.90 -5.21
C58 3TL C . 5.37 3.64 -4.68
C57 3TL C . 7.39 3.57 -5.37
C57 3TL C . 6.65 4.06 -4.28
N52 3TL C . 6.39 -1.06 -4.51
N52 3TL C . 6.97 -1.11 -4.23
C60 3TL C . 5.94 -1.70 -3.29
C60 3TL C . 5.97 -1.48 -3.25
C61 3TL C . 6.25 -0.70 -2.20
C61 3TL C . 5.96 -0.48 -2.13
O52 3TL C . 7.23 -0.81 -1.50
O52 3TL C . 6.99 -0.19 -1.56
C62 3TL C . 6.61 -3.09 -3.12
C62 3TL C . 6.20 -2.93 -2.81
CG6 3TL C . 6.63 -3.96 -4.35
CG6 3TL C . 5.84 -3.93 -3.91
CG5 3TL C . 6.04 -3.89 -1.94
CG5 3TL C . 5.55 -3.24 -1.46
N54 3TL C . 6.55 -1.31 -7.89
N54 3TL C . 7.44 -0.97 -7.75
C68 3TL C . 6.50 -0.39 -6.78
C68 3TL C . 7.46 -0.32 -6.46
C69 3TL C . 5.76 -1.07 -5.67
C69 3TL C . 6.52 -0.95 -5.47
O54 3TL C . 4.68 -1.61 -5.91
O54 3TL C . 5.39 -1.29 -5.78
C70 3TL C . 5.84 0.91 -7.23
C70 3TL C . 7.07 1.14 -6.67
C81 3TL C . 7.71 -1.75 -8.33
C81 3TL C . 8.43 -1.74 -8.18
O58 3TL C . 8.72 -1.88 -7.65
O58 3TL C . 9.56 -1.74 -7.74
O59 3TL C . 7.79 -2.14 -9.72
O59 3TL C . 8.10 -2.64 -9.26
CA5 3TL C . 9.10 -2.54 -10.18
CA5 3TL C . 9.15 -3.22 -10.03
C50 3TL C . 9.93 -1.40 -10.74
C50 3TL C . 10.04 -2.14 -10.60
C63 3TL C . 11.07 -1.72 -11.49
C63 3TL C . 11.41 -2.39 -10.70
C64 3TL C . 11.87 -0.72 -12.02
C64 3TL C . 12.26 -1.42 -11.23
C65 3TL C . 11.56 0.62 -11.81
C65 3TL C . 11.73 -0.19 -11.66
C66 3TL C . 10.43 0.96 -11.04
C66 3TL C . 10.35 0.05 -11.55
C67 3TL C . 9.62 -0.05 -10.52
C67 3TL C . 9.50 -0.93 -11.03
#